data_1YS9
#
_entry.id   1YS9
#
_cell.length_a   119.919
_cell.length_b   120.136
_cell.length_c   58.319
_cell.angle_alpha   90.00
_cell.angle_beta   90.00
_cell.angle_gamma   90.00
#
_symmetry.space_group_name_H-M   'C 2 2 2'
#
_entity_poly.entity_id   1
_entity_poly.type   'polypeptide(L)'
_entity_poly.pdbx_seq_one_letter_code
;VPYKGYLIDLDGTIYQGKNRIPAGERFIKRLQERGIPYLLVTNNTTRTPEMVQSMLANQFHVETSIETIYTATMATVDYM
NDMNRGKTAYVIGETGLKSAIAAAGYVEELENPAYVVVGLDSQVTYEMLAIATLAIQKGALFIGTNPDLNIPTERGLMPG
AGALNALLEAATRVKPVFIGKPNAIIMNKSLEVLGIQRSEAVMVGDNYLTDIMAGIQNDIATILVTTGFTRPEEVPTLPI
QPDHVLSSLDEWRL
;
_entity_poly.pdbx_strand_id   A
#
# COMPACT_ATOMS: atom_id res chain seq x y z
N PRO A 2 -20.68 15.60 4.94
CA PRO A 2 -19.20 15.43 4.89
C PRO A 2 -18.87 13.94 4.79
N TYR A 3 -17.60 13.62 4.56
CA TYR A 3 -17.18 12.22 4.46
C TYR A 3 -17.39 11.52 5.80
N LYS A 4 -17.79 10.24 5.75
CA LYS A 4 -18.04 9.46 6.95
C LYS A 4 -16.91 8.53 7.36
N GLY A 5 -15.94 8.36 6.46
CA GLY A 5 -14.81 7.50 6.74
C GLY A 5 -13.62 7.99 5.94
N TYR A 6 -12.42 7.84 6.49
CA TYR A 6 -11.20 8.28 5.80
C TYR A 6 -10.17 7.18 5.62
N LEU A 7 -9.71 7.00 4.38
CA LEU A 7 -8.67 6.02 4.07
C LEU A 7 -7.44 6.92 3.96
N ILE A 8 -6.42 6.66 4.77
CA ILE A 8 -5.24 7.52 4.83
C ILE A 8 -3.89 6.87 4.54
N ASP A 9 -3.08 7.53 3.72
CA ASP A 9 -1.76 7.01 3.40
C ASP A 9 -0.86 7.28 4.60
N LEU A 10 0.17 6.47 4.80
CA LEU A 10 1.06 6.66 5.93
C LEU A 10 2.30 7.52 5.66
N ASP A 11 3.28 6.98 4.95
CA ASP A 11 4.50 7.74 4.67
C ASP A 11 4.24 8.86 3.67
N GLY A 12 4.54 10.09 4.06
CA GLY A 12 4.34 11.23 3.19
C GLY A 12 3.08 11.99 3.59
N THR A 13 2.21 11.33 4.34
CA THR A 13 0.96 11.95 4.77
C THR A 13 0.92 12.22 6.28
N ILE A 14 1.13 11.21 7.12
CA ILE A 14 1.12 11.50 8.55
C ILE A 14 2.53 11.59 9.13
N TYR A 15 3.52 11.37 8.27
CA TYR A 15 4.93 11.46 8.61
C TYR A 15 5.72 11.35 7.30
N GLN A 16 6.92 11.91 7.26
CA GLN A 16 7.74 11.86 6.06
C GLN A 16 9.13 11.31 6.35
N GLY A 17 9.37 10.05 6.01
CA GLY A 17 10.66 9.44 6.27
C GLY A 17 10.90 9.42 7.77
N LYS A 18 12.05 9.92 8.22
CA LYS A 18 12.34 9.96 9.64
C LYS A 18 11.73 11.24 10.23
N ASN A 19 11.17 12.07 9.35
CA ASN A 19 10.56 13.32 9.75
C ASN A 19 9.08 13.23 10.09
N ARG A 20 8.67 14.05 11.05
CA ARG A 20 7.28 14.09 11.49
C ARG A 20 6.50 15.17 10.77
N ILE A 21 5.21 14.92 10.58
CA ILE A 21 4.30 15.89 9.98
C ILE A 21 3.28 16.08 11.09
N PRO A 22 3.51 17.04 12.00
CA PRO A 22 2.57 17.28 13.09
C PRO A 22 1.09 17.43 12.70
N ALA A 23 0.80 18.03 11.56
CA ALA A 23 -0.60 18.18 11.12
C ALA A 23 -1.15 16.79 10.82
N GLY A 24 -0.25 15.88 10.44
CA GLY A 24 -0.64 14.53 10.14
C GLY A 24 -0.94 13.81 11.43
N GLU A 25 -0.19 14.16 12.48
CA GLU A 25 -0.38 13.58 13.80
C GLU A 25 -1.71 14.07 14.39
N ARG A 26 -1.97 15.38 14.27
CA ARG A 26 -3.20 15.98 14.78
C ARG A 26 -4.41 15.42 14.06
N PHE A 27 -4.26 15.18 12.76
CA PHE A 27 -5.35 14.67 11.95
C PHE A 27 -5.96 13.38 12.50
N ILE A 28 -5.14 12.36 12.73
CA ILE A 28 -5.70 11.11 13.24
C ILE A 28 -6.18 11.35 14.67
N LYS A 29 -5.49 12.24 15.39
CA LYS A 29 -5.87 12.55 16.77
C LYS A 29 -7.26 13.20 16.76
N ARG A 30 -7.54 14.01 15.74
CA ARG A 30 -8.85 14.65 15.60
C ARG A 30 -9.92 13.61 15.25
N LEU A 31 -9.59 12.72 14.31
CA LEU A 31 -10.51 11.67 13.90
C LEU A 31 -10.89 10.80 15.09
N GLN A 32 -9.90 10.49 15.92
CA GLN A 32 -10.13 9.66 17.10
C GLN A 32 -11.08 10.33 18.10
N GLU A 33 -10.76 11.56 18.48
CA GLU A 33 -11.60 12.30 19.43
C GLU A 33 -13.04 12.39 18.97
N ARG A 34 -13.24 12.65 17.68
CA ARG A 34 -14.58 12.76 17.12
C ARG A 34 -15.19 11.41 16.80
N GLY A 35 -14.40 10.35 16.97
CA GLY A 35 -14.88 9.01 16.69
C GLY A 35 -15.28 8.76 15.25
N ILE A 36 -14.53 9.33 14.31
CA ILE A 36 -14.81 9.13 12.89
C ILE A 36 -13.99 7.94 12.38
N PRO A 37 -14.65 6.95 11.77
CA PRO A 37 -13.85 5.81 11.29
C PRO A 37 -12.81 6.18 10.23
N TYR A 38 -11.62 5.63 10.40
CA TYR A 38 -10.52 5.87 9.47
C TYR A 38 -9.68 4.60 9.33
N LEU A 39 -8.91 4.52 8.26
CA LEU A 39 -8.08 3.35 8.02
C LEU A 39 -6.75 3.79 7.44
N LEU A 40 -5.66 3.38 8.08
CA LEU A 40 -4.31 3.70 7.63
C LEU A 40 -3.97 2.68 6.55
N VAL A 41 -4.02 3.13 5.29
CA VAL A 41 -3.77 2.27 4.12
C VAL A 41 -2.40 2.49 3.49
N THR A 42 -1.54 1.49 3.61
CA THR A 42 -0.19 1.58 3.05
C THR A 42 0.16 0.49 2.02
N ASN A 43 1.02 0.82 1.06
CA ASN A 43 1.45 -0.12 0.03
C ASN A 43 2.68 -0.85 0.55
N ASN A 44 3.15 -0.43 1.73
CA ASN A 44 4.32 -1.04 2.32
C ASN A 44 4.05 -2.52 2.62
N THR A 45 5.03 -3.38 2.35
CA THR A 45 4.86 -4.80 2.62
C THR A 45 5.97 -5.35 3.51
N THR A 46 7.02 -4.56 3.71
CA THR A 46 8.13 -5.02 4.53
C THR A 46 7.80 -5.13 6.02
N ARG A 47 6.90 -4.28 6.50
CA ARG A 47 6.54 -4.33 7.92
C ARG A 47 5.19 -4.96 8.22
N THR A 48 5.08 -5.58 9.39
CA THR A 48 3.83 -6.18 9.83
C THR A 48 3.03 -5.03 10.46
N PRO A 49 1.71 -5.17 10.56
CA PRO A 49 0.96 -4.07 11.17
C PRO A 49 1.43 -3.72 12.59
N GLU A 50 1.84 -4.73 13.34
CA GLU A 50 2.31 -4.49 14.71
C GLU A 50 3.55 -3.61 14.66
N MET A 51 4.44 -3.87 13.70
CA MET A 51 5.66 -3.07 13.57
C MET A 51 5.31 -1.64 13.21
N VAL A 52 4.33 -1.47 12.32
CA VAL A 52 3.88 -0.15 11.89
C VAL A 52 3.27 0.58 13.10
N GLN A 53 2.39 -0.10 13.81
CA GLN A 53 1.74 0.47 14.97
C GLN A 53 2.75 1.01 15.98
N SER A 54 3.84 0.26 16.16
CA SER A 54 4.89 0.67 17.10
C SER A 54 5.64 1.88 16.55
N MET A 55 6.02 1.81 15.28
CA MET A 55 6.74 2.90 14.64
C MET A 55 5.95 4.20 14.81
N LEU A 56 4.63 4.11 14.61
CA LEU A 56 3.77 5.27 14.74
C LEU A 56 3.78 5.82 16.17
N ALA A 57 3.55 4.95 17.14
CA ALA A 57 3.50 5.36 18.54
C ALA A 57 4.84 5.85 19.10
N ASN A 58 5.92 5.19 18.72
CA ASN A 58 7.24 5.53 19.24
C ASN A 58 8.01 6.66 18.53
N GLN A 59 7.75 6.87 17.25
CA GLN A 59 8.46 7.90 16.52
C GLN A 59 7.58 9.04 16.06
N PHE A 60 6.29 8.79 15.92
CA PHE A 60 5.42 9.84 15.40
C PHE A 60 4.21 10.28 16.22
N HIS A 61 4.32 10.13 17.54
CA HIS A 61 3.27 10.55 18.45
C HIS A 61 1.83 10.14 18.11
N VAL A 62 1.64 8.98 17.50
CA VAL A 62 0.28 8.54 17.18
C VAL A 62 0.01 7.13 17.68
N GLU A 63 -1.13 6.97 18.33
CA GLU A 63 -1.53 5.68 18.85
C GLU A 63 -2.86 5.26 18.23
N THR A 64 -2.80 4.22 17.40
CA THR A 64 -3.96 3.67 16.73
C THR A 64 -4.09 2.20 17.02
N SER A 65 -5.31 1.69 17.01
CA SER A 65 -5.55 0.28 17.25
C SER A 65 -5.06 -0.48 16.04
N ILE A 66 -4.54 -1.68 16.28
CA ILE A 66 -4.02 -2.52 15.22
C ILE A 66 -4.98 -2.63 14.03
N GLU A 67 -6.29 -2.63 14.30
CA GLU A 67 -7.30 -2.76 13.25
C GLU A 67 -7.42 -1.54 12.34
N THR A 68 -6.81 -0.43 12.74
CA THR A 68 -6.89 0.78 11.93
C THR A 68 -5.81 0.78 10.86
N ILE A 69 -5.00 -0.28 10.84
CA ILE A 69 -3.90 -0.39 9.90
C ILE A 69 -4.12 -1.51 8.89
N TYR A 70 -4.15 -1.13 7.61
CA TYR A 70 -4.34 -2.11 6.53
C TYR A 70 -3.20 -1.94 5.53
N THR A 71 -2.46 -3.02 5.29
CA THR A 71 -1.33 -2.94 4.37
C THR A 71 -1.52 -3.75 3.10
N ALA A 72 -0.64 -3.51 2.14
CA ALA A 72 -0.68 -4.21 0.88
C ALA A 72 -0.46 -5.71 1.14
N THR A 73 0.34 -6.02 2.17
CA THR A 73 0.62 -7.41 2.55
C THR A 73 -0.68 -8.12 2.95
N MET A 74 -1.41 -7.51 3.88
CA MET A 74 -2.69 -8.05 4.36
C MET A 74 -3.66 -8.25 3.20
N ALA A 75 -3.84 -7.20 2.39
CA ALA A 75 -4.74 -7.26 1.24
C ALA A 75 -4.31 -8.38 0.28
N THR A 76 -3.00 -8.60 0.20
CA THR A 76 -2.47 -9.64 -0.67
C THR A 76 -2.86 -11.04 -0.20
N VAL A 77 -2.63 -11.37 1.08
CA VAL A 77 -2.98 -12.71 1.55
C VAL A 77 -4.50 -12.93 1.49
N ASP A 78 -5.27 -11.87 1.69
CA ASP A 78 -6.73 -11.95 1.63
C ASP A 78 -7.13 -12.36 0.23
N TYR A 79 -6.48 -11.77 -0.76
CA TYR A 79 -6.75 -12.07 -2.16
C TYR A 79 -6.38 -13.52 -2.46
N MET A 80 -5.19 -13.93 -2.03
CA MET A 80 -4.72 -15.29 -2.23
C MET A 80 -5.76 -16.26 -1.68
N ASN A 81 -6.19 -16.01 -0.44
CA ASN A 81 -7.20 -16.86 0.19
C ASN A 81 -8.49 -16.84 -0.63
N ASP A 82 -8.87 -15.67 -1.15
CA ASP A 82 -10.08 -15.53 -1.95
C ASP A 82 -9.99 -16.36 -3.22
N MET A 83 -8.87 -16.21 -3.93
CA MET A 83 -8.68 -16.94 -5.17
C MET A 83 -8.64 -18.42 -4.89
N ASN A 84 -8.25 -18.76 -3.67
CA ASN A 84 -8.21 -20.14 -3.22
C ASN A 84 -7.53 -21.12 -4.17
N ARG A 85 -6.42 -20.71 -4.76
CA ARG A 85 -5.68 -21.63 -5.63
C ARG A 85 -4.93 -22.47 -4.61
N GLY A 86 -4.02 -23.35 -5.04
CA GLY A 86 -3.33 -24.15 -4.04
C GLY A 86 -2.79 -23.38 -2.82
N LYS A 87 -2.30 -24.09 -1.81
CA LYS A 87 -1.76 -23.42 -0.63
C LYS A 87 -0.22 -23.40 -0.69
N THR A 88 0.33 -23.32 -1.90
CA THR A 88 1.77 -23.25 -2.08
C THR A 88 2.14 -21.89 -2.71
N ALA A 89 3.36 -21.43 -2.48
CA ALA A 89 3.76 -20.16 -3.04
C ALA A 89 5.24 -19.92 -2.97
N TYR A 90 5.71 -19.02 -3.82
CA TYR A 90 7.10 -18.61 -3.81
C TYR A 90 7.00 -17.11 -3.62
N VAL A 91 7.69 -16.59 -2.61
CA VAL A 91 7.61 -15.17 -2.32
C VAL A 91 8.93 -14.42 -2.36
N ILE A 92 8.88 -13.22 -2.94
CA ILE A 92 10.03 -12.32 -3.00
C ILE A 92 9.48 -11.10 -2.25
N GLY A 93 10.17 -10.70 -1.19
CA GLY A 93 9.73 -9.58 -0.40
C GLY A 93 10.46 -9.65 0.93
N GLU A 94 10.00 -8.94 1.95
CA GLU A 94 10.71 -9.00 3.21
C GLU A 94 9.93 -9.71 4.30
N THR A 95 10.39 -9.59 5.54
CA THR A 95 9.75 -10.29 6.63
C THR A 95 8.26 -10.03 6.87
N GLY A 96 7.82 -8.78 6.69
CA GLY A 96 6.41 -8.47 6.89
C GLY A 96 5.51 -9.29 5.97
N LEU A 97 5.82 -9.24 4.67
CA LEU A 97 5.05 -9.98 3.67
C LEU A 97 5.20 -11.50 3.79
N LYS A 98 6.45 -11.95 3.92
CA LYS A 98 6.74 -13.36 4.02
C LYS A 98 6.11 -14.06 5.23
N SER A 99 6.13 -13.41 6.39
CA SER A 99 5.56 -14.03 7.56
C SER A 99 4.04 -14.05 7.50
N ALA A 100 3.45 -13.00 6.95
CA ALA A 100 1.99 -12.91 6.83
C ALA A 100 1.46 -14.05 5.98
N ILE A 101 2.19 -14.39 4.91
CA ILE A 101 1.80 -15.48 4.02
C ILE A 101 2.06 -16.82 4.70
N ALA A 102 3.18 -16.93 5.40
CA ALA A 102 3.49 -18.16 6.12
C ALA A 102 2.38 -18.41 7.15
N ALA A 103 2.04 -17.38 7.92
CA ALA A 103 0.99 -17.48 8.94
C ALA A 103 -0.37 -17.91 8.36
N ALA A 104 -0.59 -17.65 7.08
CA ALA A 104 -1.86 -18.02 6.45
C ALA A 104 -1.80 -19.44 5.89
N GLY A 105 -0.76 -20.18 6.25
CA GLY A 105 -0.64 -21.56 5.81
C GLY A 105 -0.01 -21.86 4.45
N TYR A 106 0.58 -20.86 3.79
CA TYR A 106 1.20 -21.13 2.50
C TYR A 106 2.63 -21.61 2.72
N VAL A 107 2.96 -22.73 2.10
CA VAL A 107 4.30 -23.29 2.22
C VAL A 107 5.13 -22.92 0.99
N GLU A 108 6.43 -22.74 1.19
CA GLU A 108 7.33 -22.37 0.11
C GLU A 108 7.50 -23.50 -0.89
N GLU A 109 7.20 -23.21 -2.15
CA GLU A 109 7.35 -24.18 -3.23
C GLU A 109 8.15 -23.51 -4.35
N LEU A 110 9.28 -24.11 -4.69
CA LEU A 110 10.16 -23.57 -5.72
C LEU A 110 9.88 -24.05 -7.14
N GLU A 111 9.37 -25.27 -7.27
CA GLU A 111 9.09 -25.82 -8.61
C GLU A 111 7.76 -25.38 -9.22
N ASN A 112 6.65 -25.83 -8.64
CA ASN A 112 5.34 -25.49 -9.16
C ASN A 112 4.42 -24.86 -8.11
N PRO A 113 4.76 -23.67 -7.63
CA PRO A 113 3.92 -23.03 -6.62
C PRO A 113 2.63 -22.53 -7.24
N ALA A 114 1.56 -22.48 -6.46
CA ALA A 114 0.28 -21.99 -6.95
C ALA A 114 0.37 -20.48 -7.12
N TYR A 115 1.14 -19.84 -6.24
CA TYR A 115 1.30 -18.40 -6.29
C TYR A 115 2.76 -17.98 -6.33
N VAL A 116 3.02 -16.85 -6.99
CA VAL A 116 4.35 -16.26 -7.06
C VAL A 116 4.03 -14.82 -6.67
N VAL A 117 4.34 -14.46 -5.43
CA VAL A 117 4.04 -13.13 -4.91
C VAL A 117 5.30 -12.28 -4.82
N VAL A 118 5.25 -11.09 -5.43
CA VAL A 118 6.41 -10.21 -5.45
C VAL A 118 6.21 -8.81 -4.87
N GLY A 119 6.92 -8.55 -3.77
CA GLY A 119 6.89 -7.25 -3.12
C GLY A 119 8.33 -6.76 -3.14
N LEU A 120 8.62 -5.62 -2.52
CA LEU A 120 9.99 -5.13 -2.53
C LEU A 120 10.91 -5.94 -1.61
N ASP A 121 12.10 -6.24 -2.11
CA ASP A 121 13.11 -6.95 -1.33
C ASP A 121 14.40 -6.18 -1.54
N SER A 122 14.79 -5.37 -0.56
CA SER A 122 16.00 -4.56 -0.68
C SER A 122 17.25 -5.44 -0.81
N GLN A 123 17.07 -6.75 -0.80
CA GLN A 123 18.22 -7.64 -0.94
C GLN A 123 17.98 -8.77 -1.95
N VAL A 124 17.16 -8.49 -2.96
CA VAL A 124 16.85 -9.48 -3.99
C VAL A 124 18.08 -9.92 -4.79
N THR A 125 18.07 -11.16 -5.24
CA THR A 125 19.17 -11.73 -6.04
C THR A 125 18.61 -12.35 -7.30
N TYR A 126 19.42 -12.41 -8.36
CA TYR A 126 19.00 -13.01 -9.62
C TYR A 126 18.37 -14.38 -9.38
N GLU A 127 18.96 -15.14 -8.46
CA GLU A 127 18.48 -16.48 -8.11
C GLU A 127 16.99 -16.46 -7.77
N MET A 128 16.59 -15.50 -6.95
CA MET A 128 15.19 -15.34 -6.56
C MET A 128 14.37 -15.04 -7.81
N LEU A 129 14.84 -14.12 -8.64
CA LEU A 129 14.14 -13.77 -9.89
C LEU A 129 14.05 -14.95 -10.85
N ALA A 130 15.11 -15.74 -10.93
CA ALA A 130 15.11 -16.91 -11.81
C ALA A 130 14.01 -17.87 -11.40
N ILE A 131 14.01 -18.22 -10.11
CA ILE A 131 13.03 -19.12 -9.53
C ILE A 131 11.62 -18.63 -9.81
N ALA A 132 11.38 -17.36 -9.54
CA ALA A 132 10.05 -16.78 -9.76
C ALA A 132 9.72 -16.81 -11.26
N THR A 133 10.70 -16.49 -12.09
CA THR A 133 10.50 -16.48 -13.54
C THR A 133 10.07 -17.86 -14.05
N LEU A 134 10.74 -18.91 -13.58
CA LEU A 134 10.41 -20.26 -13.99
C LEU A 134 9.04 -20.71 -13.44
N ALA A 135 8.75 -20.36 -12.19
CA ALA A 135 7.47 -20.73 -11.58
C ALA A 135 6.29 -20.04 -12.27
N ILE A 136 6.48 -18.78 -12.68
CA ILE A 136 5.41 -18.07 -13.36
C ILE A 136 5.12 -18.74 -14.71
N GLN A 137 6.18 -19.03 -15.46
CA GLN A 137 5.99 -19.69 -16.75
C GLN A 137 5.29 -21.05 -16.58
N LYS A 138 5.49 -21.70 -15.43
CA LYS A 138 4.85 -23.00 -15.16
C LYS A 138 3.35 -22.83 -14.93
N GLY A 139 2.91 -21.59 -14.70
CA GLY A 139 1.49 -21.34 -14.50
C GLY A 139 1.05 -20.79 -13.16
N ALA A 140 1.99 -20.41 -12.30
CA ALA A 140 1.65 -19.86 -10.99
C ALA A 140 0.94 -18.51 -11.15
N LEU A 141 0.01 -18.21 -10.24
CA LEU A 141 -0.68 -16.93 -10.29
C LEU A 141 0.33 -15.87 -9.85
N PHE A 142 0.70 -15.00 -10.79
CA PHE A 142 1.67 -13.93 -10.57
C PHE A 142 1.05 -12.67 -9.95
N ILE A 143 1.35 -12.41 -8.68
CA ILE A 143 0.82 -11.25 -7.95
C ILE A 143 1.87 -10.20 -7.58
N GLY A 144 1.58 -8.94 -7.89
CA GLY A 144 2.48 -7.86 -7.52
C GLY A 144 1.84 -7.18 -6.31
N THR A 145 2.53 -7.12 -5.18
CA THR A 145 1.93 -6.52 -3.99
C THR A 145 1.50 -5.07 -4.16
N ASN A 146 2.38 -4.26 -4.75
CA ASN A 146 2.07 -2.86 -4.99
C ASN A 146 2.85 -2.46 -6.23
N PRO A 147 2.32 -1.51 -7.02
CA PRO A 147 2.94 -1.02 -8.25
C PRO A 147 4.05 0.02 -8.15
N ASP A 148 4.26 0.56 -6.95
CA ASP A 148 5.28 1.57 -6.71
C ASP A 148 6.59 1.30 -7.45
N LEU A 149 7.01 2.25 -8.28
CA LEU A 149 8.25 2.13 -9.05
C LEU A 149 9.52 2.43 -8.25
N ASN A 150 9.37 3.25 -7.21
CA ASN A 150 10.50 3.63 -6.37
C ASN A 150 10.19 3.53 -4.89
N ILE A 151 11.26 3.51 -4.11
CA ILE A 151 11.19 3.48 -2.65
C ILE A 151 12.02 4.69 -2.18
N PRO A 152 11.38 5.63 -1.46
CA PRO A 152 12.03 6.83 -0.94
C PRO A 152 13.00 6.50 0.20
N THR A 153 14.25 6.93 0.10
CA THR A 153 15.21 6.64 1.16
C THR A 153 16.27 7.72 1.30
N GLU A 154 17.24 7.46 2.15
CA GLU A 154 18.34 8.39 2.39
C GLU A 154 19.06 8.63 1.07
N ARG A 155 19.64 7.56 0.54
CA ARG A 155 20.38 7.61 -0.72
C ARG A 155 19.55 8.27 -1.82
N GLY A 156 18.23 8.15 -1.72
CA GLY A 156 17.35 8.74 -2.73
C GLY A 156 16.29 7.76 -3.17
N LEU A 157 15.73 7.98 -4.35
CA LEU A 157 14.70 7.09 -4.86
C LEU A 157 15.34 5.85 -5.41
N MET A 158 15.04 4.71 -4.81
CA MET A 158 15.61 3.46 -5.27
C MET A 158 14.54 2.56 -5.85
N PRO A 159 14.94 1.43 -6.48
CA PRO A 159 14.00 0.48 -7.08
C PRO A 159 12.89 0.04 -6.15
N GLY A 160 11.65 0.24 -6.57
CA GLY A 160 10.52 -0.16 -5.75
C GLY A 160 9.97 -1.50 -6.19
N ALA A 161 8.99 -2.02 -5.46
CA ALA A 161 8.39 -3.32 -5.80
C ALA A 161 7.90 -3.38 -7.25
N GLY A 162 7.42 -2.25 -7.77
CA GLY A 162 6.94 -2.20 -9.14
C GLY A 162 8.05 -2.46 -10.13
N ALA A 163 9.27 -2.03 -9.79
CA ALA A 163 10.41 -2.22 -10.67
C ALA A 163 10.85 -3.70 -10.64
N LEU A 164 10.73 -4.36 -9.50
CA LEU A 164 11.08 -5.76 -9.41
C LEU A 164 10.08 -6.53 -10.24
N ASN A 165 8.81 -6.12 -10.18
CA ASN A 165 7.77 -6.77 -10.96
C ASN A 165 7.95 -6.54 -12.46
N ALA A 166 8.49 -5.39 -12.83
CA ALA A 166 8.73 -5.07 -14.23
C ALA A 166 9.78 -6.02 -14.82
N LEU A 167 10.75 -6.41 -13.99
CA LEU A 167 11.82 -7.32 -14.39
C LEU A 167 11.16 -8.64 -14.73
N LEU A 168 10.26 -9.08 -13.86
CA LEU A 168 9.55 -10.34 -14.02
C LEU A 168 8.51 -10.31 -15.13
N GLU A 169 7.92 -9.15 -15.38
CA GLU A 169 6.93 -9.06 -16.44
C GLU A 169 7.64 -9.18 -17.79
N ALA A 170 8.81 -8.58 -17.89
CA ALA A 170 9.59 -8.62 -19.11
C ALA A 170 10.10 -10.04 -19.38
N ALA A 171 10.49 -10.74 -18.33
CA ALA A 171 11.03 -12.09 -18.48
C ALA A 171 9.99 -13.18 -18.68
N THR A 172 8.76 -12.96 -18.21
CA THR A 172 7.71 -13.97 -18.34
C THR A 172 6.66 -13.58 -19.37
N ARG A 173 6.60 -12.30 -19.70
CA ARG A 173 5.61 -11.81 -20.65
C ARG A 173 4.22 -11.78 -20.01
N VAL A 174 4.16 -12.01 -18.69
CA VAL A 174 2.86 -11.96 -18.02
C VAL A 174 2.80 -10.82 -17.00
N LYS A 175 1.81 -9.95 -17.16
CA LYS A 175 1.64 -8.82 -16.25
C LYS A 175 1.13 -9.36 -14.91
N PRO A 176 1.69 -8.89 -13.81
CA PRO A 176 1.22 -9.39 -12.53
C PRO A 176 -0.11 -8.74 -12.16
N VAL A 177 -0.86 -9.40 -11.28
CA VAL A 177 -2.10 -8.81 -10.82
C VAL A 177 -1.66 -7.99 -9.64
N PHE A 178 -1.70 -6.67 -9.77
CA PHE A 178 -1.31 -5.78 -8.69
C PHE A 178 -2.41 -5.64 -7.65
N ILE A 179 -2.02 -5.64 -6.38
CA ILE A 179 -2.94 -5.52 -5.26
C ILE A 179 -3.02 -4.09 -4.72
N GLY A 180 -1.85 -3.48 -4.53
CA GLY A 180 -1.76 -2.14 -3.96
C GLY A 180 -2.31 -0.98 -4.76
N LYS A 181 -2.41 0.16 -4.08
CA LYS A 181 -2.90 1.41 -4.66
C LYS A 181 -2.13 1.71 -5.92
N PRO A 182 -2.79 2.29 -6.92
CA PRO A 182 -4.19 2.70 -6.95
C PRO A 182 -5.17 1.59 -7.39
N ASN A 183 -4.68 0.36 -7.51
CA ASN A 183 -5.51 -0.75 -7.95
C ASN A 183 -6.69 -1.08 -7.05
N ALA A 184 -7.70 -1.67 -7.67
CA ALA A 184 -8.96 -2.02 -7.01
C ALA A 184 -8.98 -2.92 -5.79
N ILE A 185 -8.26 -4.04 -5.84
CA ILE A 185 -8.28 -4.99 -4.74
C ILE A 185 -8.04 -4.40 -3.34
N ILE A 186 -6.96 -3.66 -3.15
CA ILE A 186 -6.69 -3.08 -1.84
C ILE A 186 -7.76 -2.04 -1.46
N MET A 187 -8.26 -1.29 -2.45
CA MET A 187 -9.28 -0.28 -2.19
C MET A 187 -10.62 -0.90 -1.77
N ASN A 188 -11.07 -1.91 -2.50
CA ASN A 188 -12.32 -2.57 -2.17
C ASN A 188 -12.26 -3.11 -0.74
N LYS A 189 -11.23 -3.91 -0.47
CA LYS A 189 -11.07 -4.50 0.85
C LYS A 189 -10.95 -3.46 1.95
N SER A 190 -10.32 -2.31 1.62
CA SER A 190 -10.17 -1.23 2.59
C SER A 190 -11.54 -0.74 3.00
N LEU A 191 -12.38 -0.49 1.99
CA LEU A 191 -13.74 -0.04 2.21
C LEU A 191 -14.44 -1.04 3.10
N GLU A 192 -14.34 -2.31 2.72
CA GLU A 192 -14.98 -3.37 3.47
C GLU A 192 -14.55 -3.39 4.94
N VAL A 193 -13.27 -3.10 5.21
CA VAL A 193 -12.79 -3.10 6.58
C VAL A 193 -13.10 -1.76 7.26
N LEU A 194 -13.10 -0.67 6.48
CA LEU A 194 -13.39 0.67 7.00
C LEU A 194 -14.82 0.72 7.54
N GLY A 195 -15.70 -0.06 6.92
CA GLY A 195 -17.09 -0.11 7.34
C GLY A 195 -18.04 0.91 6.73
N ILE A 196 -17.58 1.76 5.81
CA ILE A 196 -18.49 2.73 5.22
C ILE A 196 -18.56 2.70 3.69
N GLN A 197 -19.70 3.14 3.17
CA GLN A 197 -19.97 3.18 1.72
C GLN A 197 -18.92 3.86 0.87
N ARG A 198 -18.69 3.30 -0.31
CA ARG A 198 -17.73 3.83 -1.26
C ARG A 198 -18.10 5.29 -1.51
N SER A 199 -19.39 5.55 -1.65
CA SER A 199 -19.88 6.90 -1.92
C SER A 199 -19.64 7.92 -0.81
N GLU A 200 -19.27 7.49 0.39
CA GLU A 200 -19.03 8.45 1.46
C GLU A 200 -17.70 8.29 2.20
N ALA A 201 -16.75 7.65 1.52
CA ALA A 201 -15.41 7.48 2.05
C ALA A 201 -14.54 8.41 1.23
N VAL A 202 -13.38 8.76 1.76
CA VAL A 202 -12.47 9.65 1.03
C VAL A 202 -11.07 9.06 1.16
N MET A 203 -10.27 9.19 0.12
CA MET A 203 -8.89 8.69 0.15
C MET A 203 -7.98 9.89 0.36
N VAL A 204 -7.25 9.89 1.47
CA VAL A 204 -6.35 10.98 1.78
C VAL A 204 -4.89 10.56 1.57
N GLY A 205 -4.16 11.34 0.78
CA GLY A 205 -2.78 11.01 0.52
C GLY A 205 -2.00 12.14 -0.10
N ASP A 206 -0.70 11.93 -0.25
CA ASP A 206 0.24 12.90 -0.79
C ASP A 206 0.82 12.53 -2.15
N ASN A 207 0.50 11.34 -2.64
CA ASN A 207 1.02 10.87 -3.92
C ASN A 207 -0.08 10.74 -4.96
N TYR A 208 0.02 11.52 -6.03
CA TYR A 208 -1.00 11.49 -7.08
C TYR A 208 -1.18 10.17 -7.80
N LEU A 209 -0.07 9.58 -8.24
CA LEU A 209 -0.08 8.32 -8.98
C LEU A 209 -0.66 7.14 -8.22
N THR A 210 -0.44 7.10 -6.91
CA THR A 210 -0.96 6.01 -6.10
C THR A 210 -2.21 6.34 -5.30
N ASP A 211 -2.11 7.32 -4.40
CA ASP A 211 -3.25 7.70 -3.57
C ASP A 211 -4.41 8.36 -4.30
N ILE A 212 -4.14 9.47 -4.97
CA ILE A 212 -5.20 10.16 -5.67
C ILE A 212 -5.83 9.29 -6.75
N MET A 213 -5.01 8.56 -7.52
CA MET A 213 -5.56 7.70 -8.55
C MET A 213 -6.30 6.53 -7.92
N ALA A 214 -5.93 6.17 -6.70
CA ALA A 214 -6.59 5.08 -6.01
C ALA A 214 -8.07 5.44 -5.88
N GLY A 215 -8.34 6.73 -5.73
CA GLY A 215 -9.70 7.19 -5.61
C GLY A 215 -10.36 7.40 -6.95
N ILE A 216 -9.69 8.16 -7.81
CA ILE A 216 -10.21 8.46 -9.15
C ILE A 216 -10.54 7.20 -9.97
N GLN A 217 -9.62 6.23 -9.98
CA GLN A 217 -9.80 4.97 -10.70
C GLN A 217 -10.92 4.13 -10.13
N ASN A 218 -11.15 4.23 -8.83
CA ASN A 218 -12.15 3.40 -8.16
C ASN A 218 -13.39 4.15 -7.74
N ASP A 219 -13.53 5.38 -8.22
CA ASP A 219 -14.68 6.21 -7.93
C ASP A 219 -14.87 6.44 -6.41
N ILE A 220 -13.80 6.90 -5.76
CA ILE A 220 -13.81 7.23 -4.33
C ILE A 220 -13.23 8.65 -4.23
N ALA A 221 -13.91 9.51 -3.47
CA ALA A 221 -13.47 10.91 -3.30
C ALA A 221 -12.02 10.96 -2.88
N THR A 222 -11.36 12.07 -3.20
CA THR A 222 -9.96 12.23 -2.86
C THR A 222 -9.56 13.57 -2.25
N ILE A 223 -8.55 13.52 -1.40
CA ILE A 223 -7.98 14.71 -0.77
C ILE A 223 -6.47 14.58 -0.92
N LEU A 224 -5.84 15.58 -1.54
CA LEU A 224 -4.40 15.60 -1.73
C LEU A 224 -3.74 16.63 -0.81
N VAL A 225 -2.75 16.18 -0.05
CA VAL A 225 -1.99 17.06 0.85
C VAL A 225 -0.63 17.19 0.18
N THR A 226 -0.26 18.40 -0.20
CA THR A 226 1.03 18.64 -0.86
C THR A 226 2.29 18.41 -0.04
N THR A 227 2.19 17.64 1.03
CA THR A 227 3.40 17.33 1.78
C THR A 227 3.90 16.11 0.99
N GLY A 228 4.98 15.47 1.41
CA GLY A 228 5.41 14.30 0.66
C GLY A 228 5.61 14.37 -0.86
N PHE A 229 5.47 13.21 -1.50
CA PHE A 229 5.66 13.04 -2.94
C PHE A 229 5.28 14.20 -3.84
N THR A 230 4.07 14.17 -4.38
CA THR A 230 3.60 15.22 -5.29
C THR A 230 3.81 16.60 -4.67
N ARG A 231 4.74 17.36 -5.25
CA ARG A 231 5.07 18.70 -4.78
C ARG A 231 4.02 19.71 -5.21
N PRO A 232 3.71 20.69 -4.36
CA PRO A 232 2.71 21.72 -4.65
C PRO A 232 2.85 22.40 -6.01
N GLU A 233 4.08 22.47 -6.51
CA GLU A 233 4.32 23.09 -7.81
C GLU A 233 3.68 22.23 -8.90
N GLU A 234 3.54 20.94 -8.62
CA GLU A 234 2.97 19.98 -9.55
C GLU A 234 1.46 19.95 -9.72
N VAL A 235 0.70 20.46 -8.74
CA VAL A 235 -0.74 20.38 -8.84
C VAL A 235 -1.41 21.09 -10.02
N PRO A 236 -0.99 22.31 -10.36
CA PRO A 236 -1.64 22.97 -11.50
C PRO A 236 -1.65 22.14 -12.80
N THR A 237 -0.61 21.34 -13.01
CA THR A 237 -0.52 20.54 -14.23
C THR A 237 -1.05 19.11 -14.13
N LEU A 238 -1.61 18.74 -12.99
CA LEU A 238 -2.15 17.39 -12.83
C LEU A 238 -3.24 17.13 -13.86
N PRO A 239 -3.20 15.97 -14.53
CA PRO A 239 -4.19 15.61 -15.54
C PRO A 239 -5.62 15.66 -14.98
N ILE A 240 -5.78 15.14 -13.77
CA ILE A 240 -7.07 15.16 -13.09
C ILE A 240 -6.89 15.78 -11.71
N GLN A 241 -7.62 16.87 -11.45
CA GLN A 241 -7.56 17.54 -10.16
C GLN A 241 -8.30 16.71 -9.12
N PRO A 242 -7.74 16.61 -7.90
CA PRO A 242 -8.39 15.85 -6.82
C PRO A 242 -9.63 16.62 -6.37
N ASP A 243 -10.48 16.01 -5.54
CA ASP A 243 -11.64 16.72 -5.06
C ASP A 243 -11.23 17.89 -4.17
N HIS A 244 -10.12 17.72 -3.46
CA HIS A 244 -9.61 18.73 -2.55
C HIS A 244 -8.08 18.70 -2.55
N VAL A 245 -7.47 19.87 -2.48
CA VAL A 245 -6.03 19.99 -2.44
C VAL A 245 -5.72 20.82 -1.20
N LEU A 246 -4.85 20.30 -0.34
CA LEU A 246 -4.48 20.99 0.89
C LEU A 246 -2.96 21.09 1.04
N SER A 247 -2.52 22.15 1.70
CA SER A 247 -1.10 22.36 1.95
C SER A 247 -0.85 21.74 3.32
N SER A 248 -1.93 21.50 4.04
CA SER A 248 -1.86 20.92 5.37
C SER A 248 -3.19 20.28 5.78
N LEU A 249 -3.11 19.18 6.51
CA LEU A 249 -4.31 18.50 6.98
C LEU A 249 -5.00 19.32 8.07
N ASP A 250 -4.28 20.26 8.68
CA ASP A 250 -4.86 21.11 9.72
C ASP A 250 -5.98 21.94 9.12
N GLU A 251 -5.89 22.15 7.81
CA GLU A 251 -6.86 22.94 7.06
C GLU A 251 -8.09 22.17 6.60
N TRP A 252 -8.17 20.89 6.93
CA TRP A 252 -9.35 20.13 6.54
C TRP A 252 -10.29 20.07 7.72
N ARG A 253 -11.54 20.45 7.51
CA ARG A 253 -12.52 20.45 8.58
C ARG A 253 -13.33 19.15 8.61
N LEU A 254 -13.30 18.46 9.74
CA LEU A 254 -14.01 17.20 9.89
C LEU A 254 -15.53 17.35 10.07
#